data_7F0Y
#
_entry.id   7F0Y
#
_cell.length_a   57.574
_cell.length_b   64.633
_cell.length_c   87.037
_cell.angle_alpha   90.000
_cell.angle_beta   90.000
_cell.angle_gamma   90.000
#
_symmetry.space_group_name_H-M   'P 21 21 21'
#
loop_
_entity.id
_entity.type
_entity.pdbx_description
1 polymer NsrQ
2 non-polymer 'methyl 2-[2,6-bis(oxidanyl)phenyl]carbonyl-5-methyl-3-oxidanyl-benzoate'
3 water water
#
_entity_poly.entity_id   1
_entity_poly.type   'polypeptide(L)'
_entity_poly.pdbx_seq_one_letter_code
;MGSSHHHHHHSSGLVPRGSHMPAPAEVQAATLEKFIQGWAGWTPDGFLANWSEDCTQKTLPFSSGVPLRTRADTEKLAPV
LMSLMSNFTLDIHNVVHDAPQGKAVIYALTKADTPFGPYRNEHAIFLWFNEIGDRVQKIEEMFDAVVMQEFLPKLDKYVA
DNKMQLGAKFS
;
_entity_poly.pdbx_strand_id   A,B
#
loop_
_chem_comp.id
_chem_comp.type
_chem_comp.name
_chem_comp.formula
0BJ non-polymer 'methyl 2-[2,6-bis(oxidanyl)phenyl]carbonyl-5-methyl-3-oxidanyl-benzoate' 'C16 H14 O6'
#
# COMPACT_ATOMS: atom_id res chain seq x y z
N PRO A 22 3.35 -19.11 -13.24
CA PRO A 22 3.92 -17.84 -13.68
C PRO A 22 5.24 -18.00 -14.45
N ALA A 23 5.66 -16.92 -15.12
CA ALA A 23 6.92 -16.90 -15.84
C ALA A 23 8.11 -16.99 -14.89
N PRO A 24 9.31 -17.30 -15.38
CA PRO A 24 10.46 -17.36 -14.49
C PRO A 24 10.72 -16.03 -13.80
N ALA A 25 11.32 -16.11 -12.60
CA ALA A 25 11.54 -14.91 -11.79
C ALA A 25 12.29 -13.84 -12.57
N GLU A 26 13.29 -14.24 -13.36
CA GLU A 26 14.13 -13.26 -14.04
C GLU A 26 13.36 -12.56 -15.17
N VAL A 27 12.40 -13.24 -15.78
CA VAL A 27 11.55 -12.63 -16.80
C VAL A 27 10.63 -11.60 -16.16
N GLN A 28 9.97 -11.97 -15.06
CA GLN A 28 9.13 -11.03 -14.33
C GLN A 28 9.93 -9.84 -13.86
N ALA A 29 11.14 -10.10 -13.36
CA ALA A 29 11.94 -9.02 -12.78
C ALA A 29 12.37 -8.03 -13.85
N ALA A 30 12.60 -8.49 -15.08
CA ALA A 30 12.89 -7.56 -16.17
C ALA A 30 11.71 -6.67 -16.44
N THR A 31 10.50 -7.25 -16.44
CA THR A 31 9.28 -6.47 -16.65
C THR A 31 9.07 -5.48 -15.52
N LEU A 32 9.32 -5.89 -14.27
CA LEU A 32 9.19 -4.98 -13.14
C LEU A 32 10.13 -3.79 -13.29
N GLU A 33 11.37 -4.05 -13.71
CA GLU A 33 12.34 -2.97 -13.90
C GLU A 33 11.91 -2.05 -15.04
N LYS A 34 11.47 -2.62 -16.16
CA LYS A 34 10.99 -1.83 -17.29
C LYS A 34 9.78 -0.98 -16.90
N PHE A 35 8.87 -1.55 -16.10
CA PHE A 35 7.72 -0.77 -15.63
C PHE A 35 8.16 0.46 -14.85
N ILE A 36 9.09 0.29 -13.91
CA ILE A 36 9.62 1.41 -13.14
C ILE A 36 10.32 2.40 -14.05
N GLN A 37 11.08 1.92 -15.03
CA GLN A 37 11.77 2.91 -15.84
C GLN A 37 10.83 3.63 -16.79
N GLY A 38 9.74 2.99 -17.22
CA GLY A 38 8.76 3.70 -18.04
C GLY A 38 8.03 4.76 -17.26
N TRP A 39 7.74 4.49 -16.00
CA TRP A 39 7.16 5.47 -15.08
C TRP A 39 8.12 6.63 -14.84
N ALA A 40 9.36 6.32 -14.44
CA ALA A 40 10.35 7.36 -14.16
C ALA A 40 10.61 8.21 -15.40
N GLY A 41 10.58 7.59 -16.58
CA GLY A 41 10.79 8.32 -17.82
C GLY A 41 9.72 9.34 -18.11
N TRP A 42 8.51 9.13 -17.57
CA TRP A 42 7.47 10.14 -17.57
C TRP A 42 7.10 10.58 -18.99
N THR A 43 6.98 9.59 -19.87
CA THR A 43 6.40 9.75 -21.19
C THR A 43 5.23 8.80 -21.35
N PRO A 44 4.19 9.20 -22.08
CA PRO A 44 3.02 8.32 -22.21
C PRO A 44 3.36 6.99 -22.87
N ASP A 45 4.07 7.02 -24.01
CA ASP A 45 4.40 5.78 -24.71
C ASP A 45 5.34 4.90 -23.89
N GLY A 46 6.32 5.51 -23.22
CA GLY A 46 7.25 4.72 -22.41
C GLY A 46 6.56 4.02 -21.27
N PHE A 47 5.64 4.72 -20.60
CA PHE A 47 4.96 4.14 -19.44
C PHE A 47 3.99 3.05 -19.87
N LEU A 48 3.19 3.32 -20.90
CA LEU A 48 2.16 2.38 -21.32
C LEU A 48 2.72 1.18 -22.08
N ALA A 49 3.97 1.27 -22.56
CA ALA A 49 4.55 0.15 -23.28
C ALA A 49 4.53 -1.13 -22.46
N ASN A 50 4.57 -1.03 -21.13
CA ASN A 50 4.60 -2.23 -20.32
C ASN A 50 3.25 -2.67 -19.80
N TRP A 51 2.16 -2.01 -20.21
CA TRP A 51 0.81 -2.51 -19.94
C TRP A 51 0.40 -3.54 -20.97
N SER A 52 -0.15 -4.66 -20.51
CA SER A 52 -0.84 -5.57 -21.40
C SER A 52 -2.08 -4.90 -22.00
N GLU A 53 -2.60 -5.47 -23.09
CA GLU A 53 -3.73 -4.80 -23.71
C GLU A 53 -4.95 -4.77 -22.81
N ASP A 54 -5.09 -5.73 -21.88
CA ASP A 54 -6.23 -5.79 -20.98
C ASP A 54 -5.92 -5.18 -19.61
N CYS A 55 -4.75 -4.57 -19.45
CA CYS A 55 -4.35 -4.06 -18.14
C CYS A 55 -5.26 -2.92 -17.67
N THR A 56 -5.57 -2.92 -16.39
CA THR A 56 -6.38 -1.89 -15.76
C THR A 56 -5.65 -1.37 -14.54
N GLN A 57 -5.97 -0.14 -14.17
CA GLN A 57 -5.51 0.47 -12.93
C GLN A 57 -6.71 0.68 -12.02
N LYS A 58 -6.56 0.37 -10.75
CA LYS A 58 -7.65 0.56 -9.80
C LYS A 58 -7.10 1.25 -8.58
N THR A 59 -7.72 2.38 -8.23
CA THR A 59 -7.32 3.14 -7.07
C THR A 59 -7.83 2.51 -5.78
N LEU A 60 -6.92 2.43 -4.79
CA LEU A 60 -7.19 2.00 -3.44
C LEU A 60 -7.17 3.21 -2.51
N PRO A 61 -7.91 3.20 -1.40
CA PRO A 61 -8.79 2.10 -0.95
C PRO A 61 -10.05 1.95 -1.79
N PHE A 62 -10.58 0.73 -1.80
CA PHE A 62 -11.82 0.46 -2.52
C PHE A 62 -12.96 1.34 -2.02
N SER A 63 -12.95 1.67 -0.73
CA SER A 63 -14.00 2.50 -0.14
C SER A 63 -14.08 3.89 -0.77
N SER A 64 -13.05 4.32 -1.49
CA SER A 64 -13.06 5.65 -2.10
C SER A 64 -13.94 5.69 -3.33
N GLY A 65 -14.29 4.54 -3.89
CA GLY A 65 -15.16 4.49 -5.05
C GLY A 65 -14.63 5.13 -6.31
N VAL A 66 -13.31 5.10 -6.51
CA VAL A 66 -12.70 5.67 -7.70
C VAL A 66 -12.79 4.64 -8.82
N PRO A 67 -13.40 4.96 -9.96
CA PRO A 67 -13.57 3.94 -11.01
C PRO A 67 -12.23 3.49 -11.55
N LEU A 68 -12.18 2.24 -12.01
CA LEU A 68 -10.96 1.76 -12.64
C LEU A 68 -10.68 2.55 -13.91
N ARG A 69 -9.42 2.57 -14.28
CA ARG A 69 -8.96 3.17 -15.53
C ARG A 69 -8.50 2.06 -16.47
N THR A 70 -8.96 2.12 -17.69
CA THR A 70 -8.48 1.16 -18.67
C THR A 70 -7.16 1.62 -19.28
N ARG A 71 -6.56 0.74 -20.06
CA ARG A 71 -5.37 1.12 -20.81
C ARG A 71 -5.69 2.27 -21.75
N ALA A 72 -6.85 2.22 -22.41
CA ALA A 72 -7.24 3.30 -23.32
C ALA A 72 -7.49 4.60 -22.55
N ASP A 73 -8.16 4.51 -21.40
CA ASP A 73 -8.30 5.68 -20.52
C ASP A 73 -6.95 6.32 -20.24
N THR A 74 -5.97 5.49 -19.89
CA THR A 74 -4.66 5.98 -19.50
C THR A 74 -3.91 6.53 -20.70
N GLU A 75 -4.12 5.95 -21.89
CA GLU A 75 -3.55 6.54 -23.10
C GLU A 75 -4.04 7.96 -23.31
N LYS A 76 -5.27 8.24 -22.91
CA LYS A 76 -5.84 9.57 -23.14
C LYS A 76 -5.44 10.56 -22.05
N LEU A 77 -5.28 10.09 -20.82
CA LEU A 77 -4.97 10.92 -19.65
C LEU A 77 -3.48 11.19 -19.46
N ALA A 78 -2.64 10.20 -19.74
CA ALA A 78 -1.22 10.34 -19.46
C ALA A 78 -0.58 11.53 -20.17
N PRO A 79 -0.87 11.80 -21.46
CA PRO A 79 -0.21 12.95 -22.10
C PRO A 79 -0.46 14.27 -21.39
N VAL A 80 -1.71 14.55 -20.98
CA VAL A 80 -1.96 15.86 -20.37
C VAL A 80 -1.34 15.95 -18.98
N LEU A 81 -1.42 14.87 -18.19
CA LEU A 81 -0.86 14.91 -16.83
C LEU A 81 0.65 14.98 -16.88
N MET A 82 1.25 14.24 -17.79
CA MET A 82 2.70 14.20 -17.86
C MET A 82 3.24 15.53 -18.40
N SER A 83 2.44 16.22 -19.22
CA SER A 83 2.84 17.53 -19.70
C SER A 83 2.69 18.59 -18.62
N LEU A 84 1.66 18.46 -17.78
CA LEU A 84 1.44 19.42 -16.71
C LEU A 84 2.42 19.26 -15.56
N MET A 85 2.90 18.04 -15.31
CA MET A 85 3.87 17.82 -14.24
C MET A 85 5.27 17.72 -14.80
N SER A 86 6.06 18.75 -14.53
CA SER A 86 7.42 18.89 -15.00
C SER A 86 8.40 18.53 -13.90
N ASN A 87 9.65 18.29 -14.30
CA ASN A 87 10.72 17.96 -13.36
C ASN A 87 10.32 16.78 -12.49
N PHE A 88 9.65 15.80 -13.11
CA PHE A 88 9.12 14.64 -12.37
C PHE A 88 10.25 13.77 -11.84
N THR A 89 10.12 13.33 -10.59
N THR A 89 10.19 13.41 -10.57
CA THR A 89 11.15 12.56 -9.89
CA THR A 89 11.15 12.51 -9.97
C THR A 89 10.52 11.40 -9.13
C THR A 89 10.42 11.37 -9.30
N LEU A 90 11.04 10.19 -9.35
CA LEU A 90 10.49 8.97 -8.81
C LEU A 90 11.52 8.37 -7.85
N ASP A 91 11.14 8.23 -6.59
CA ASP A 91 12.03 7.68 -5.57
C ASP A 91 11.46 6.33 -5.15
N ILE A 92 12.19 5.25 -5.44
CA ILE A 92 11.73 3.90 -5.13
C ILE A 92 12.19 3.55 -3.72
N HIS A 93 11.23 3.41 -2.81
CA HIS A 93 11.53 3.16 -1.40
C HIS A 93 11.56 1.68 -1.07
N ASN A 94 10.75 0.87 -1.73
CA ASN A 94 10.63 -0.55 -1.43
C ASN A 94 10.10 -1.25 -2.67
N VAL A 95 10.68 -2.41 -2.99
CA VAL A 95 10.18 -3.31 -4.03
C VAL A 95 10.06 -4.70 -3.40
N VAL A 96 8.89 -5.32 -3.58
CA VAL A 96 8.60 -6.65 -3.05
C VAL A 96 8.13 -7.49 -4.22
N HIS A 97 8.88 -8.54 -4.57
CA HIS A 97 8.58 -9.34 -5.75
C HIS A 97 8.30 -10.78 -5.32
N ASP A 98 7.08 -11.24 -5.60
CA ASP A 98 6.64 -12.63 -5.39
C ASP A 98 6.61 -13.33 -6.73
N ALA A 99 7.75 -13.92 -7.12
CA ALA A 99 7.82 -14.60 -8.41
C ALA A 99 6.91 -15.82 -8.47
N PRO A 100 6.79 -16.65 -7.43
CA PRO A 100 5.87 -17.80 -7.55
C PRO A 100 4.43 -17.41 -7.84
N GLN A 101 3.99 -16.23 -7.40
CA GLN A 101 2.64 -15.77 -7.64
C GLN A 101 2.54 -14.80 -8.83
N GLY A 102 3.65 -14.41 -9.43
CA GLY A 102 3.59 -13.45 -10.53
C GLY A 102 3.06 -12.10 -10.10
N LYS A 103 3.49 -11.62 -8.92
CA LYS A 103 3.00 -10.37 -8.34
C LYS A 103 4.16 -9.55 -7.80
N ALA A 104 3.95 -8.24 -7.67
CA ALA A 104 4.96 -7.39 -7.06
C ALA A 104 4.27 -6.20 -6.42
N VAL A 105 4.99 -5.53 -5.51
CA VAL A 105 4.54 -4.27 -4.95
C VAL A 105 5.71 -3.31 -4.96
N ILE A 106 5.43 -2.05 -5.30
CA ILE A 106 6.39 -0.96 -5.22
C ILE A 106 5.85 0.08 -4.26
N TYR A 107 6.70 0.61 -3.37
CA TYR A 107 6.36 1.84 -2.67
C TYR A 107 7.25 2.95 -3.21
N ALA A 108 6.62 3.97 -3.79
CA ALA A 108 7.36 5.02 -4.50
C ALA A 108 6.88 6.39 -4.07
N LEU A 109 7.82 7.33 -4.01
CA LEU A 109 7.52 8.72 -3.69
C LEU A 109 7.79 9.54 -4.95
N THR A 110 6.85 10.42 -5.29
CA THR A 110 6.95 11.22 -6.50
C THR A 110 6.93 12.70 -6.16
N LYS A 111 7.59 13.46 -7.01
CA LYS A 111 7.57 14.92 -6.91
C LYS A 111 7.53 15.51 -8.31
N ALA A 112 6.94 16.69 -8.43
CA ALA A 112 6.96 17.40 -9.70
C ALA A 112 6.63 18.86 -9.44
N ASP A 113 6.80 19.65 -10.48
CA ASP A 113 6.35 21.03 -10.53
C ASP A 113 5.17 21.13 -11.48
N THR A 114 4.13 21.85 -11.09
CA THR A 114 3.00 22.10 -11.97
C THR A 114 2.83 23.61 -12.03
N PRO A 115 2.02 24.11 -12.97
CA PRO A 115 1.79 25.56 -13.00
C PRO A 115 1.17 26.09 -11.72
N PHE A 116 0.45 25.24 -10.97
CA PHE A 116 -0.20 25.67 -9.74
C PHE A 116 0.71 25.67 -8.52
N GLY A 117 1.87 25.01 -8.61
CA GLY A 117 2.76 24.89 -7.48
C GLY A 117 3.35 23.49 -7.38
N PRO A 118 4.03 23.21 -6.27
CA PRO A 118 4.73 21.92 -6.14
C PRO A 118 3.77 20.77 -5.92
N TYR A 119 4.11 19.62 -6.49
CA TYR A 119 3.31 18.40 -6.41
C TYR A 119 4.11 17.31 -5.72
N ARG A 120 3.46 16.58 -4.80
CA ARG A 120 4.08 15.48 -4.07
C ARG A 120 3.06 14.36 -3.99
N ASN A 121 3.50 13.10 -4.15
CA ASN A 121 2.60 11.99 -3.89
C ASN A 121 3.41 10.78 -3.42
N GLU A 122 2.69 9.78 -2.91
CA GLU A 122 3.30 8.49 -2.57
C GLU A 122 2.35 7.39 -2.97
N HIS A 123 2.91 6.34 -3.58
CA HIS A 123 2.11 5.25 -4.16
C HIS A 123 2.55 3.91 -3.58
N ALA A 124 1.58 3.14 -3.07
CA ALA A 124 1.78 1.72 -2.81
C ALA A 124 1.09 1.00 -3.97
N ILE A 125 1.87 0.47 -4.90
N ILE A 125 1.87 0.50 -4.92
CA ILE A 125 1.31 0.00 -6.16
CA ILE A 125 1.31 -0.01 -6.17
C ILE A 125 1.51 -1.52 -6.27
C ILE A 125 1.50 -1.52 -6.20
N PHE A 126 0.39 -2.24 -6.32
CA PHE A 126 0.39 -3.68 -6.47
C PHE A 126 0.30 -4.03 -7.95
N LEU A 127 1.19 -4.92 -8.40
CA LEU A 127 1.29 -5.33 -9.79
C LEU A 127 1.03 -6.82 -9.93
N TRP A 128 0.35 -7.20 -11.02
CA TRP A 128 0.24 -8.58 -11.47
C TRP A 128 0.86 -8.66 -12.85
N PHE A 129 1.75 -9.64 -13.06
CA PHE A 129 2.28 -9.84 -14.40
C PHE A 129 1.39 -10.77 -15.21
N ASN A 130 1.43 -10.60 -16.54
CA ASN A 130 0.73 -11.55 -17.38
C ASN A 130 1.46 -12.91 -17.36
N GLU A 131 0.81 -13.91 -17.95
CA GLU A 131 1.33 -15.28 -17.91
C GLU A 131 2.71 -15.38 -18.57
N ILE A 132 2.89 -14.74 -19.73
CA ILE A 132 4.19 -14.74 -20.39
C ILE A 132 5.25 -14.05 -19.53
N GLY A 133 4.84 -13.06 -18.73
CA GLY A 133 5.77 -12.39 -17.83
C GLY A 133 6.40 -11.12 -18.36
N ASP A 134 6.01 -10.68 -19.57
CA ASP A 134 6.63 -9.53 -20.19
C ASP A 134 5.77 -8.28 -20.12
N ARG A 135 4.60 -8.35 -19.49
CA ARG A 135 3.75 -7.18 -19.33
C ARG A 135 3.19 -7.16 -17.92
N VAL A 136 2.73 -5.98 -17.51
CA VAL A 136 1.89 -5.85 -16.34
C VAL A 136 0.44 -5.99 -16.78
N GLN A 137 -0.28 -6.90 -16.14
CA GLN A 137 -1.66 -7.20 -16.52
C GLN A 137 -2.69 -6.57 -15.60
N LYS A 138 -2.31 -6.19 -14.38
CA LYS A 138 -3.27 -5.55 -13.48
C LYS A 138 -2.50 -4.68 -12.49
N ILE A 139 -3.08 -3.55 -12.14
CA ILE A 139 -2.52 -2.60 -11.18
C ILE A 139 -3.59 -2.25 -10.17
N GLU A 140 -3.26 -2.31 -8.89
CA GLU A 140 -4.10 -1.75 -7.83
C GLU A 140 -3.20 -0.85 -7.02
N GLU A 141 -3.60 0.41 -6.79
CA GLU A 141 -2.64 1.26 -6.09
C GLU A 141 -3.30 2.24 -5.13
N MET A 142 -2.68 2.36 -3.98
CA MET A 142 -3.11 3.26 -2.93
C MET A 142 -2.21 4.49 -2.97
N PHE A 143 -2.83 5.65 -3.18
CA PHE A 143 -2.09 6.90 -3.35
C PHE A 143 -3.09 8.03 -3.13
N ASP A 144 -2.58 9.26 -3.04
CA ASP A 144 -3.46 10.42 -2.97
C ASP A 144 -4.07 10.64 -4.34
N ALA A 145 -5.36 10.33 -4.49
CA ALA A 145 -6.00 10.30 -5.80
C ALA A 145 -6.77 11.58 -6.09
N VAL A 146 -6.44 12.68 -5.41
CA VAL A 146 -7.21 13.90 -5.61
C VAL A 146 -7.15 14.38 -7.06
N VAL A 147 -6.04 14.18 -7.77
CA VAL A 147 -6.01 14.56 -9.18
C VAL A 147 -7.04 13.74 -9.94
N MET A 148 -7.22 12.49 -9.53
CA MET A 148 -8.12 11.60 -10.23
C MET A 148 -9.58 11.88 -9.88
N GLN A 149 -9.83 12.30 -8.64
CA GLN A 149 -11.19 12.55 -8.17
C GLN A 149 -11.68 13.95 -8.50
N GLU A 150 -10.78 14.92 -8.59
CA GLU A 150 -11.14 16.32 -8.77
C GLU A 150 -10.76 16.86 -10.13
N PHE A 151 -9.51 16.66 -10.55
CA PHE A 151 -9.09 17.21 -11.84
C PHE A 151 -9.76 16.48 -13.00
N LEU A 152 -9.89 15.15 -12.92
CA LEU A 152 -10.46 14.41 -14.04
C LEU A 152 -11.90 14.82 -14.36
N PRO A 153 -12.83 14.90 -13.38
CA PRO A 153 -14.18 15.38 -13.74
C PRO A 153 -14.19 16.80 -14.28
N LYS A 154 -13.37 17.71 -13.74
CA LYS A 154 -13.34 19.07 -14.28
C LYS A 154 -12.69 19.11 -15.65
N LEU A 155 -11.86 18.13 -15.96
CA LEU A 155 -11.34 17.98 -17.32
C LEU A 155 -12.43 17.50 -18.26
N ASP A 156 -13.21 16.50 -17.81
CA ASP A 156 -14.29 15.96 -18.63
C ASP A 156 -15.32 17.04 -18.95
N LYS A 157 -15.78 17.76 -17.93
CA LYS A 157 -16.83 18.75 -18.14
C LYS A 157 -16.33 19.93 -18.96
N TYR A 158 -15.01 20.10 -19.05
CA TYR A 158 -14.43 21.11 -19.91
C TYR A 158 -14.45 20.70 -21.38
N VAL A 159 -14.32 19.40 -21.67
CA VAL A 159 -14.45 18.91 -23.04
C VAL A 159 -15.91 18.92 -23.47
N ALA A 160 -16.81 18.56 -22.55
CA ALA A 160 -18.23 18.53 -22.89
C ALA A 160 -18.77 19.92 -23.20
N ASP A 161 -18.26 20.95 -22.52
CA ASP A 161 -18.65 22.33 -22.79
C ASP A 161 -17.99 22.84 -24.07
N ASN A 162 -17.91 21.98 -25.08
CA ASN A 162 -17.19 22.31 -26.31
C ASN A 162 -17.59 21.34 -27.42
N PRO B 22 18.07 -14.58 4.51
CA PRO B 22 16.74 -14.74 5.10
C PRO B 22 16.41 -16.18 5.47
N ALA B 23 15.38 -16.32 6.28
CA ALA B 23 14.89 -17.62 6.68
C ALA B 23 14.31 -18.37 5.50
N PRO B 24 14.11 -19.68 5.63
CA PRO B 24 13.45 -20.44 4.55
C PRO B 24 12.11 -19.82 4.19
N ALA B 25 11.83 -19.84 2.88
CA ALA B 25 10.57 -19.31 2.37
C ALA B 25 9.38 -19.92 3.10
N GLU B 26 9.45 -21.22 3.38
CA GLU B 26 8.35 -21.92 4.03
C GLU B 26 8.12 -21.42 5.44
N VAL B 27 9.19 -21.09 6.15
CA VAL B 27 9.06 -20.59 7.51
C VAL B 27 8.49 -19.18 7.50
N GLN B 28 9.02 -18.32 6.61
CA GLN B 28 8.49 -16.96 6.46
C GLN B 28 7.00 -16.98 6.17
N ALA B 29 6.56 -17.86 5.26
CA ALA B 29 5.16 -17.93 4.90
C ALA B 29 4.30 -18.34 6.09
N ALA B 30 4.81 -19.27 6.91
CA ALA B 30 4.07 -19.70 8.08
C ALA B 30 3.96 -18.57 9.11
N THR B 31 5.01 -17.77 9.23
CA THR B 31 4.97 -16.63 10.16
C THR B 31 3.99 -15.58 9.66
N LEU B 32 3.97 -15.34 8.36
CA LEU B 32 2.98 -14.43 7.77
C LEU B 32 1.56 -14.89 8.07
N GLU B 33 1.31 -16.20 7.94
CA GLU B 33 0.03 -16.78 8.31
C GLU B 33 -0.29 -16.54 9.79
N LYS B 34 0.69 -16.76 10.68
CA LYS B 34 0.47 -16.53 12.10
C LYS B 34 0.20 -15.06 12.39
N PHE B 35 0.97 -14.17 11.77
CA PHE B 35 0.76 -12.73 11.95
C PHE B 35 -0.68 -12.34 11.62
N ILE B 36 -1.17 -12.82 10.48
CA ILE B 36 -2.52 -12.52 10.06
C ILE B 36 -3.53 -13.07 11.06
N GLN B 37 -3.30 -14.30 11.54
N GLN B 37 -3.29 -14.29 11.56
CA GLN B 37 -4.21 -14.92 12.49
CA GLN B 37 -4.24 -14.89 12.49
C GLN B 37 -4.22 -14.18 13.83
C GLN B 37 -4.23 -14.18 13.84
N GLY B 38 -3.06 -13.73 14.29
CA GLY B 38 -3.01 -12.97 15.53
C GLY B 38 -3.80 -11.68 15.44
N TRP B 39 -3.74 -11.03 14.27
CA TRP B 39 -4.54 -9.84 14.01
C TRP B 39 -6.02 -10.17 13.97
N ALA B 40 -6.39 -11.20 13.20
CA ALA B 40 -7.80 -11.58 13.07
C ALA B 40 -8.39 -11.98 14.42
N GLY B 41 -7.59 -12.62 15.28
CA GLY B 41 -8.10 -13.04 16.57
C GLY B 41 -8.50 -11.88 17.47
N TRP B 42 -7.91 -10.71 17.23
CA TRP B 42 -8.32 -9.45 17.84
C TRP B 42 -8.20 -9.50 19.36
N THR B 43 -7.07 -10.01 19.82
CA THR B 43 -6.62 -9.85 21.18
C THR B 43 -5.23 -9.21 21.18
N PRO B 44 -4.92 -8.39 22.20
CA PRO B 44 -3.61 -7.72 22.21
C PRO B 44 -2.45 -8.69 22.32
N ASP B 45 -2.53 -9.66 23.25
CA ASP B 45 -1.45 -10.62 23.42
C ASP B 45 -1.28 -11.48 22.18
N GLY B 46 -2.39 -11.94 21.59
CA GLY B 46 -2.31 -12.76 20.39
C GLY B 46 -1.75 -11.99 19.20
N PHE B 47 -2.14 -10.72 19.03
CA PHE B 47 -1.61 -9.98 17.89
C PHE B 47 -0.14 -9.65 18.09
N LEU B 48 0.25 -9.23 19.29
CA LEU B 48 1.64 -8.84 19.48
C LEU B 48 2.59 -10.02 19.60
N ALA B 49 2.05 -11.24 19.78
CA ALA B 49 2.89 -12.42 19.93
C ALA B 49 3.86 -12.58 18.76
N ASN B 50 3.41 -12.22 17.56
CA ASN B 50 4.18 -12.41 16.34
C ASN B 50 5.05 -11.20 15.98
N TRP B 51 5.08 -10.17 16.82
CA TRP B 51 6.03 -9.07 16.68
C TRP B 51 7.31 -9.41 17.42
N SER B 52 8.44 -9.20 16.77
CA SER B 52 9.72 -9.29 17.46
C SER B 52 9.78 -8.27 18.60
N GLU B 53 10.75 -8.47 19.50
CA GLU B 53 10.86 -7.55 20.63
C GLU B 53 11.20 -6.14 20.18
N ASP B 54 11.91 -6.00 19.06
CA ASP B 54 12.35 -4.71 18.55
C ASP B 54 11.52 -4.23 17.36
N CYS B 55 10.36 -4.83 17.12
CA CYS B 55 9.54 -4.48 15.97
C CYS B 55 9.02 -3.06 16.09
N THR B 56 9.00 -2.35 14.97
CA THR B 56 8.45 -1.01 14.88
C THR B 56 7.33 -0.97 13.84
N GLN B 57 6.43 0.01 14.01
CA GLN B 57 5.38 0.32 13.05
C GLN B 57 5.53 1.75 12.58
N LYS B 58 5.43 1.95 11.26
CA LYS B 58 5.50 3.27 10.66
C LYS B 58 4.29 3.48 9.76
N THR B 59 3.56 4.55 10.02
CA THR B 59 2.44 4.92 9.17
C THR B 59 2.92 5.64 7.92
N LEU B 60 2.39 5.22 6.77
CA LEU B 60 2.56 5.79 5.46
C LEU B 60 1.32 6.58 5.07
N PRO B 61 1.44 7.65 4.26
CA PRO B 61 2.67 8.11 3.60
C PRO B 61 3.62 8.85 4.52
N PHE B 62 4.89 8.86 4.12
CA PHE B 62 5.90 9.61 4.86
C PHE B 62 5.53 11.07 4.99
N SER B 63 4.82 11.63 4.00
CA SER B 63 4.45 13.05 4.04
C SER B 63 3.58 13.38 5.25
N SER B 64 2.85 12.39 5.78
CA SER B 64 2.05 12.65 6.97
C SER B 64 2.90 12.80 8.23
N GLY B 65 4.17 12.42 8.19
CA GLY B 65 5.06 12.59 9.36
C GLY B 65 4.54 11.99 10.65
N VAL B 66 3.85 10.86 10.57
CA VAL B 66 3.40 10.18 11.78
C VAL B 66 4.61 9.49 12.41
N PRO B 67 4.96 9.83 13.66
CA PRO B 67 6.18 9.25 14.24
C PRO B 67 6.10 7.73 14.32
N LEU B 68 7.26 7.11 14.08
CA LEU B 68 7.40 5.67 14.24
C LEU B 68 6.94 5.23 15.62
N ARG B 69 6.19 4.14 15.67
CA ARG B 69 5.71 3.56 16.91
C ARG B 69 6.55 2.36 17.29
N THR B 70 6.93 2.28 18.56
CA THR B 70 7.65 1.14 19.09
C THR B 70 6.70 0.03 19.50
N ARG B 71 7.27 -1.14 19.76
CA ARG B 71 6.48 -2.26 20.28
C ARG B 71 5.81 -1.88 21.58
N ALA B 72 6.51 -1.13 22.43
CA ALA B 72 5.94 -0.70 23.70
C ALA B 72 4.75 0.24 23.47
N ASP B 73 4.89 1.18 22.52
CA ASP B 73 3.77 2.04 22.13
C ASP B 73 2.57 1.19 21.76
N THR B 74 2.80 0.16 20.96
CA THR B 74 1.69 -0.66 20.49
C THR B 74 1.10 -1.49 21.61
N GLU B 75 1.93 -1.94 22.55
CA GLU B 75 1.44 -2.67 23.72
C GLU B 75 0.48 -1.83 24.53
N LYS B 76 0.72 -0.52 24.57
CA LYS B 76 -0.14 0.39 25.31
C LYS B 76 -1.45 0.67 24.57
N LEU B 77 -1.37 0.74 23.24
CA LEU B 77 -2.48 1.14 22.40
C LEU B 77 -3.46 -0.01 22.17
N ALA B 78 -2.94 -1.23 22.02
CA ALA B 78 -3.76 -2.33 21.54
C ALA B 78 -4.92 -2.70 22.45
N PRO B 79 -4.76 -2.79 23.78
CA PRO B 79 -5.91 -3.23 24.59
C PRO B 79 -7.12 -2.32 24.48
N VAL B 80 -6.92 -0.99 24.41
CA VAL B 80 -8.07 -0.11 24.39
C VAL B 80 -8.77 -0.13 23.03
N LEU B 81 -8.00 -0.19 21.93
CA LEU B 81 -8.65 -0.28 20.62
C LEU B 81 -9.41 -1.59 20.45
N MET B 82 -8.82 -2.70 20.85
CA MET B 82 -9.53 -3.96 20.68
C MET B 82 -10.72 -4.06 21.62
N SER B 83 -10.74 -3.29 22.70
CA SER B 83 -11.92 -3.26 23.56
C SER B 83 -13.05 -2.44 22.93
N LEU B 84 -12.72 -1.33 22.26
CA LEU B 84 -13.75 -0.46 21.68
C LEU B 84 -14.28 -0.94 20.34
N MET B 85 -13.50 -1.73 19.60
CA MET B 85 -13.97 -2.27 18.34
C MET B 85 -14.38 -3.73 18.52
N SER B 86 -15.67 -3.99 18.38
CA SER B 86 -16.22 -5.33 18.50
C SER B 86 -16.67 -5.84 17.13
N ASN B 87 -16.97 -7.15 17.08
CA ASN B 87 -17.31 -7.80 15.81
C ASN B 87 -16.28 -7.51 14.73
N PHE B 88 -15.02 -7.57 15.12
CA PHE B 88 -13.94 -7.21 14.20
C PHE B 88 -13.81 -8.26 13.10
N THR B 89 -13.76 -7.81 11.86
CA THR B 89 -13.52 -8.70 10.73
C THR B 89 -12.29 -8.25 9.96
N LEU B 90 -11.53 -9.24 9.50
CA LEU B 90 -10.29 -9.02 8.76
C LEU B 90 -10.39 -9.81 7.48
N ASP B 91 -10.33 -9.13 6.35
CA ASP B 91 -10.36 -9.80 5.06
C ASP B 91 -9.06 -9.53 4.35
N ILE B 92 -8.35 -10.60 3.99
CA ILE B 92 -7.08 -10.47 3.30
C ILE B 92 -7.34 -10.51 1.81
N HIS B 93 -7.07 -9.39 1.14
CA HIS B 93 -7.35 -9.24 -0.27
C HIS B 93 -6.19 -9.64 -1.16
N ASN B 94 -4.97 -9.44 -0.68
CA ASN B 94 -3.77 -9.70 -1.46
C ASN B 94 -2.60 -9.98 -0.52
N VAL B 95 -1.83 -11.01 -0.85
CA VAL B 95 -0.56 -11.31 -0.17
C VAL B 95 0.53 -11.39 -1.22
N VAL B 96 1.61 -10.65 -1.03
CA VAL B 96 2.75 -10.65 -1.94
C VAL B 96 3.99 -10.96 -1.11
N HIS B 97 4.62 -12.10 -1.36
CA HIS B 97 5.69 -12.57 -0.50
C HIS B 97 6.99 -12.69 -1.29
N ASP B 98 8.01 -11.92 -0.89
CA ASP B 98 9.35 -11.93 -1.49
C ASP B 98 10.26 -12.69 -0.52
N ALA B 99 10.28 -14.01 -0.63
CA ALA B 99 11.11 -14.80 0.28
C ALA B 99 12.59 -14.50 0.15
N PRO B 100 13.17 -14.29 -1.05
CA PRO B 100 14.60 -13.96 -1.11
C PRO B 100 14.97 -12.70 -0.34
N GLN B 101 14.05 -11.75 -0.21
N GLN B 101 14.06 -11.74 -0.20
CA GLN B 101 14.30 -10.51 0.51
CA GLN B 101 14.36 -10.53 0.53
C GLN B 101 13.80 -10.55 1.94
C GLN B 101 13.76 -10.53 1.93
N GLY B 102 13.11 -11.61 2.35
CA GLY B 102 12.53 -11.69 3.68
C GLY B 102 11.48 -10.61 3.94
N LYS B 103 10.65 -10.33 2.93
CA LYS B 103 9.70 -9.22 2.92
C LYS B 103 8.35 -9.72 2.42
N ALA B 104 7.30 -9.03 2.81
CA ALA B 104 5.99 -9.33 2.27
C ALA B 104 5.16 -8.06 2.31
N VAL B 105 4.06 -8.09 1.57
CA VAL B 105 3.01 -7.07 1.65
C VAL B 105 1.66 -7.77 1.77
N ILE B 106 0.79 -7.25 2.64
CA ILE B 106 -0.60 -7.67 2.71
C ILE B 106 -1.48 -6.48 2.38
N TYR B 107 -2.55 -6.71 1.62
CA TYR B 107 -3.62 -5.70 1.52
C TYR B 107 -4.84 -6.23 2.26
N ALA B 108 -5.30 -5.50 3.27
CA ALA B 108 -6.31 -6.01 4.19
C ALA B 108 -7.44 -5.01 4.34
N LEU B 109 -8.66 -5.52 4.39
CA LEU B 109 -9.84 -4.69 4.68
C LEU B 109 -10.41 -5.10 6.02
N THR B 110 -10.68 -4.12 6.87
CA THR B 110 -11.17 -4.36 8.22
C THR B 110 -12.51 -3.67 8.43
N LYS B 111 -13.36 -4.27 9.27
CA LYS B 111 -14.58 -3.62 9.73
C LYS B 111 -14.82 -3.96 11.19
N ALA B 112 -15.52 -3.06 11.89
CA ALA B 112 -15.89 -3.36 13.26
C ALA B 112 -17.04 -2.44 13.65
N ASP B 113 -17.66 -2.77 14.78
CA ASP B 113 -18.62 -1.90 15.44
C ASP B 113 -17.94 -1.20 16.60
N THR B 114 -18.27 0.06 16.80
CA THR B 114 -17.77 0.84 17.93
C THR B 114 -18.97 1.54 18.55
N PRO B 115 -18.83 2.03 19.78
CA PRO B 115 -19.96 2.77 20.39
C PRO B 115 -20.29 4.05 19.64
N PHE B 116 -19.38 4.56 18.81
CA PHE B 116 -19.63 5.78 18.07
C PHE B 116 -20.24 5.52 16.70
N GLY B 117 -20.33 4.27 16.27
CA GLY B 117 -20.80 3.92 14.96
C GLY B 117 -19.89 2.92 14.26
N PRO B 118 -20.21 2.61 13.01
CA PRO B 118 -19.48 1.55 12.28
C PRO B 118 -18.10 2.02 11.84
N TYR B 119 -17.13 1.11 11.92
CA TYR B 119 -15.74 1.37 11.55
C TYR B 119 -15.36 0.55 10.33
N ARG B 120 -14.62 1.16 9.41
CA ARG B 120 -14.01 0.40 8.33
C ARG B 120 -12.65 0.99 8.01
N ASN B 121 -11.75 0.15 7.52
CA ASN B 121 -10.43 0.62 7.12
C ASN B 121 -9.87 -0.32 6.05
N GLU B 122 -8.80 0.13 5.39
CA GLU B 122 -8.03 -0.70 4.47
C GLU B 122 -6.56 -0.39 4.68
N HIS B 123 -5.74 -1.44 4.74
CA HIS B 123 -4.32 -1.33 5.08
C HIS B 123 -3.48 -1.97 3.98
N ALA B 124 -2.49 -1.23 3.48
CA ALA B 124 -1.43 -1.79 2.63
C ALA B 124 -0.21 -1.90 3.54
N ILE B 125 0.10 -3.13 3.97
CA ILE B 125 1.06 -3.35 5.05
C ILE B 125 2.30 -4.03 4.52
N PHE B 126 3.43 -3.34 4.62
CA PHE B 126 4.74 -3.87 4.23
C PHE B 126 5.39 -4.48 5.46
N LEU B 127 5.85 -5.72 5.34
CA LEU B 127 6.37 -6.47 6.48
C LEU B 127 7.79 -6.96 6.18
N TRP B 128 8.63 -7.03 7.21
CA TRP B 128 9.96 -7.64 7.14
C TRP B 128 10.01 -8.70 8.24
N PHE B 129 10.52 -9.88 7.89
CA PHE B 129 10.69 -10.94 8.88
C PHE B 129 12.04 -10.83 9.55
N ASN B 130 12.13 -11.37 10.76
CA ASN B 130 13.42 -11.44 11.41
C ASN B 130 14.26 -12.55 10.77
N GLU B 131 15.56 -12.55 11.09
CA GLU B 131 16.49 -13.48 10.43
C GLU B 131 16.09 -14.93 10.68
N ILE B 132 15.67 -15.24 11.89
CA ILE B 132 15.26 -16.59 12.25
C ILE B 132 13.97 -16.96 11.51
N GLY B 133 13.13 -15.98 11.21
CA GLY B 133 11.94 -16.19 10.41
C GLY B 133 10.66 -16.43 11.17
N ASP B 134 10.68 -16.34 12.50
CA ASP B 134 9.49 -16.62 13.30
C ASP B 134 8.80 -15.37 13.85
N ARG B 135 9.25 -14.18 13.47
CA ARG B 135 8.60 -12.93 13.88
C ARG B 135 8.61 -11.93 12.73
N VAL B 136 7.70 -10.95 12.83
CA VAL B 136 7.77 -9.75 12.01
C VAL B 136 8.58 -8.73 12.80
N GLN B 137 9.60 -8.13 12.16
CA GLN B 137 10.45 -7.18 12.86
C GLN B 137 10.30 -5.75 12.39
N LYS B 138 9.59 -5.51 11.29
CA LYS B 138 9.36 -4.13 10.85
C LYS B 138 8.06 -4.10 10.06
N ILE B 139 7.27 -3.05 10.31
CA ILE B 139 5.99 -2.81 9.65
C ILE B 139 5.99 -1.38 9.11
N GLU B 140 5.60 -1.22 7.86
CA GLU B 140 5.31 0.10 7.29
C GLU B 140 3.96 -0.01 6.61
N GLU B 141 2.99 0.83 6.98
CA GLU B 141 1.67 0.60 6.44
C GLU B 141 0.92 1.87 6.09
N MET B 142 0.31 1.83 4.92
CA MET B 142 -0.56 2.90 4.44
C MET B 142 -2.00 2.53 4.80
N PHE B 143 -2.66 3.38 5.56
CA PHE B 143 -4.02 3.11 6.03
C PHE B 143 -4.59 4.43 6.53
N ASP B 144 -5.89 4.43 6.82
CA ASP B 144 -6.52 5.60 7.46
C ASP B 144 -6.12 5.61 8.94
N ALA B 145 -5.24 6.53 9.31
CA ALA B 145 -4.63 6.49 10.63
C ALA B 145 -5.32 7.39 11.66
N VAL B 146 -6.50 7.91 11.36
CA VAL B 146 -7.14 8.89 12.25
C VAL B 146 -7.36 8.33 13.66
N VAL B 147 -7.64 7.03 13.81
CA VAL B 147 -7.88 6.53 15.16
C VAL B 147 -6.62 6.61 16.01
N MET B 148 -5.47 6.29 15.43
CA MET B 148 -4.26 6.33 16.24
C MET B 148 -3.72 7.74 16.39
N GLN B 149 -4.03 8.64 15.46
CA GLN B 149 -3.58 10.03 15.50
C GLN B 149 -4.50 10.95 16.28
N GLU B 150 -5.79 10.61 16.40
CA GLU B 150 -6.74 11.52 17.05
C GLU B 150 -7.40 10.92 18.28
N PHE B 151 -7.76 9.63 18.26
CA PHE B 151 -8.47 9.05 19.38
C PHE B 151 -7.59 8.91 20.62
N LEU B 152 -6.53 8.10 20.54
CA LEU B 152 -5.74 7.82 21.74
C LEU B 152 -5.14 9.06 22.38
N PRO B 153 -4.58 10.04 21.65
CA PRO B 153 -4.13 11.26 22.33
C PRO B 153 -5.23 11.92 23.16
N LYS B 154 -6.46 11.99 22.64
CA LYS B 154 -7.55 12.58 23.42
C LYS B 154 -7.90 11.73 24.64
N LEU B 155 -7.78 10.40 24.53
CA LEU B 155 -7.89 9.54 25.71
C LEU B 155 -6.81 9.87 26.73
N ASP B 156 -5.59 10.11 26.28
CA ASP B 156 -4.49 10.39 27.19
C ASP B 156 -4.67 11.75 27.86
N LYS B 157 -5.16 12.74 27.12
CA LYS B 157 -5.45 14.02 27.75
C LYS B 157 -6.54 13.87 28.80
N TYR B 158 -7.52 13.00 28.55
CA TYR B 158 -8.59 12.81 29.51
C TYR B 158 -8.04 12.25 30.83
N VAL B 159 -7.14 11.27 30.75
CA VAL B 159 -6.55 10.71 31.97
C VAL B 159 -5.74 11.78 32.69
N ALA B 160 -4.99 12.59 31.94
CA ALA B 160 -4.18 13.64 32.56
C ALA B 160 -5.05 14.63 33.32
N ASP B 161 -6.24 14.93 32.81
CA ASP B 161 -7.18 15.77 33.55
C ASP B 161 -7.72 15.08 34.80
N ASN B 162 -7.37 13.82 35.03
CA ASN B 162 -7.83 13.07 36.19
C ASN B 162 -6.66 12.51 36.99
C14 0BJ C . -1.29 8.41 -12.61
C5 0BJ C . 0.23 9.90 -15.64
C6 0BJ C . 1.61 6.19 -13.11
C11 0BJ C . -0.39 6.59 -11.29
C8 0BJ C . 1.53 5.36 -11.99
C9 0BJ C . 2.54 4.23 -11.78
C10 0BJ C . 0.51 5.57 -11.07
C13 0BJ C . -0.32 7.42 -12.41
C1 0BJ C . 0.70 7.22 -13.34
C15 0BJ C . -1.35 9.56 -11.83
C16 0BJ C . -0.25 10.15 -11.20
C18 0BJ C . -0.42 11.30 -10.45
C19 0BJ C . -1.67 11.89 -10.29
C2 0BJ C . 0.84 8.01 -14.49
C20 0BJ C . -2.77 11.32 -10.92
C21 0BJ C . -2.59 10.17 -11.68
O12 0BJ C . -1.41 6.83 -10.42
O17 0BJ C . 0.97 9.58 -11.35
O22 0BJ C . -3.63 9.56 -12.31
O23 0BJ C . -2.16 8.22 -13.48
O3 0BJ C . 1.28 7.54 -15.54
O4 0BJ C . 0.53 9.33 -14.36
C14 0BJ D . -3.59 -0.55 14.53
C5 0BJ D . -4.97 -2.37 17.28
C6 0BJ D . -2.91 -4.02 13.45
C11 0BJ D . -2.61 -1.46 12.54
C8 0BJ D . -2.31 -3.80 12.22
C9 0BJ D . -1.84 -4.99 11.38
C10 0BJ D . -2.16 -2.51 11.76
C13 0BJ D . -3.20 -1.67 13.78
C1 0BJ D . -3.34 -2.99 14.25
C15 0BJ D . -4.80 0.11 14.25
C16 0BJ D . -4.92 1.45 14.60
C18 0BJ D . -6.08 2.18 14.34
C19 0BJ D . -7.16 1.55 13.75
C2 0BJ D . -3.93 -3.33 15.47
C20 0BJ D . -7.07 0.21 13.41
C21 0BJ D . -5.90 -0.51 13.66
O12 0BJ D . -2.49 -0.17 12.15
O17 0BJ D . -3.83 2.05 15.19
O22 0BJ D . -5.83 -1.83 13.31
O23 0BJ D . -2.80 -0.11 15.36
O3 0BJ D . -4.55 -4.39 15.57
O4 0BJ D . -3.76 -2.47 16.52
#